data_2WA2
#
_entry.id   2WA2
#
_cell.length_a   52.530
_cell.length_b   62.242
_cell.length_c   160.016
_cell.angle_alpha   90.00
_cell.angle_beta   90.00
_cell.angle_gamma   90.00
#
_symmetry.space_group_name_H-M   'P 21 21 21'
#
loop_
_entity.id
_entity.type
_entity.pdbx_description
1 polymer 'NON-STRUCTURAL PROTEIN 5'
2 non-polymer S-ADENOSYLMETHIONINE
3 non-polymer 'SULFATE ION'
4 water water
#
_entity_poly.entity_id   1
_entity_poly.type   'polypeptide(L)'
_entity_poly.pdbx_seq_one_letter_code
;MAHHHHHHGICSSAPTLGEIWKRKLNQLDAKEFMAYRRRFVVEVDRNEAREALAKGKTNTGHAVSRGTAKLAWIDERGGV
ELKGTVVDLGCGRGSWSYYAASQPNVREVKAYTLGTSGHEKPRLVETFGWNLITFKSKVDVTKMEPFQADTVLCDIGESN
PTAAVEASRTLTVLNVISRWLEYNQGCGFCVKVLNPYSCDVLEALMKMQARFGGGLIRVPLSRNSTHEMYFVSGIKNNIM
GNVTAVSRQLLKRMEEQGGERVVPDYKFSTGTRSNL
;
_entity_poly.pdbx_strand_id   A,B
#
loop_
_chem_comp.id
_chem_comp.type
_chem_comp.name
_chem_comp.formula
SAM non-polymer S-ADENOSYLMETHIONINE 'C15 H22 N6 O5 S'
SO4 non-polymer 'SULFATE ION' 'O4 S -2'
#
# COMPACT_ATOMS: atom_id res chain seq x y z
N SER A 13 -11.95 -15.14 -23.89
CA SER A 13 -10.86 -15.27 -22.87
C SER A 13 -10.58 -14.00 -22.08
N ALA A 14 -10.97 -12.84 -22.62
CA ALA A 14 -10.55 -11.56 -22.05
C ALA A 14 -10.92 -11.38 -20.57
N PRO A 15 -12.22 -11.56 -20.23
CA PRO A 15 -12.57 -11.41 -18.83
C PRO A 15 -11.82 -12.40 -17.92
N THR A 16 -11.66 -13.65 -18.36
CA THR A 16 -10.91 -14.64 -17.59
C THR A 16 -9.48 -14.16 -17.30
N LEU A 17 -8.73 -13.81 -18.35
CA LEU A 17 -7.33 -13.42 -18.22
C LEU A 17 -7.12 -12.12 -17.39
N GLY A 18 -7.94 -11.11 -17.63
CA GLY A 18 -7.82 -9.88 -16.84
C GLY A 18 -8.21 -10.13 -15.40
N GLU A 19 -9.18 -11.02 -15.20
CA GLU A 19 -9.61 -11.35 -13.86
C GLU A 19 -8.54 -12.11 -13.11
N ILE A 20 -7.84 -12.99 -13.82
CA ILE A 20 -6.67 -13.69 -13.24
C ILE A 20 -5.61 -12.68 -12.80
N TRP A 21 -5.27 -11.75 -13.71
CA TRP A 21 -4.33 -10.66 -13.43
C TRP A 21 -4.78 -9.92 -12.19
N LYS A 22 -6.06 -9.58 -12.10
CA LYS A 22 -6.53 -8.80 -10.94
C LYS A 22 -6.36 -9.56 -9.60
N ARG A 23 -6.75 -10.83 -9.61
CA ARG A 23 -6.71 -11.65 -8.38
C ARG A 23 -5.26 -11.88 -7.99
N LYS A 24 -4.41 -12.10 -8.99
CA LYS A 24 -2.96 -12.23 -8.72
C LYS A 24 -2.36 -10.93 -8.22
N LEU A 25 -2.74 -9.82 -8.83
CA LEU A 25 -2.27 -8.52 -8.38
C LEU A 25 -2.59 -8.33 -6.90
N ASN A 26 -3.85 -8.61 -6.52
CA ASN A 26 -4.33 -8.43 -5.15
C ASN A 26 -3.66 -9.36 -4.13
N GLN A 27 -3.02 -10.42 -4.61
CA GLN A 27 -2.26 -11.34 -3.74
C GLN A 27 -0.86 -10.84 -3.42
N LEU A 28 -0.37 -9.81 -4.14
CA LEU A 28 0.96 -9.29 -3.88
C LEU A 28 1.04 -8.48 -2.58
N ASP A 29 2.09 -8.73 -1.77
CA ASP A 29 2.34 -7.91 -0.57
C ASP A 29 2.91 -6.54 -0.95
N ALA A 30 3.15 -5.66 0.02
CA ALA A 30 3.58 -4.29 -0.32
C ALA A 30 4.88 -4.27 -1.15
N LYS A 31 5.88 -5.06 -0.73
CA LYS A 31 7.16 -5.14 -1.45
C LYS A 31 6.99 -5.69 -2.87
N GLU A 32 6.30 -6.82 -3.00
CA GLU A 32 6.04 -7.42 -4.32
C GLU A 32 5.28 -6.49 -5.27
N PHE A 33 4.24 -5.83 -4.74
CA PHE A 33 3.43 -4.87 -5.48
C PHE A 33 4.29 -3.72 -5.99
N MET A 34 5.13 -3.17 -5.12
CA MET A 34 5.96 -2.02 -5.52
C MET A 34 6.97 -2.38 -6.61
N ALA A 35 7.62 -3.55 -6.48
CA ALA A 35 8.53 -4.08 -7.49
C ALA A 35 7.78 -4.41 -8.79
N TYR A 36 6.61 -5.06 -8.66
CA TYR A 36 5.88 -5.48 -9.86
C TYR A 36 5.43 -4.30 -10.72
N ARG A 37 4.94 -3.26 -10.06
CA ARG A 37 4.23 -2.21 -10.76
C ARG A 37 5.08 -1.40 -11.72
N ARG A 38 6.39 -1.29 -11.44
CA ARG A 38 7.35 -0.56 -12.29
C ARG A 38 8.16 -1.44 -13.25
N ARG A 39 8.00 -2.76 -13.18
CA ARG A 39 8.78 -3.69 -14.00
C ARG A 39 8.57 -3.46 -15.51
N PHE A 40 9.63 -3.02 -16.18
CA PHE A 40 9.62 -2.72 -17.63
C PHE A 40 8.71 -1.55 -18.05
N VAL A 41 8.34 -0.70 -17.11
CA VAL A 41 7.46 0.42 -17.38
C VAL A 41 8.33 1.60 -17.83
N VAL A 42 7.92 2.27 -18.93
CA VAL A 42 8.62 3.47 -19.38
C VAL A 42 8.55 4.52 -18.27
N GLU A 43 9.72 5.01 -17.86
CA GLU A 43 9.86 5.86 -16.66
C GLU A 43 9.40 5.13 -15.39
N VAL A 64 6.72 16.11 -16.55
CA VAL A 64 7.03 15.77 -15.17
C VAL A 64 5.87 15.00 -14.51
N SER A 65 4.63 15.44 -14.74
CA SER A 65 3.44 14.73 -14.29
C SER A 65 3.24 13.40 -15.05
N ARG A 66 2.79 12.36 -14.33
CA ARG A 66 2.41 11.11 -14.97
C ARG A 66 1.31 11.35 -16.00
N GLY A 67 0.35 12.20 -15.64
CA GLY A 67 -0.80 12.56 -16.50
C GLY A 67 -0.32 13.24 -17.77
N THR A 68 0.58 14.18 -17.61
CA THR A 68 1.17 14.87 -18.75
C THR A 68 1.85 13.89 -19.69
N ALA A 69 2.70 13.02 -19.11
CA ALA A 69 3.49 12.12 -19.92
C ALA A 69 2.59 11.17 -20.72
N LYS A 70 1.50 10.71 -20.11
CA LYS A 70 0.61 9.77 -20.78
C LYS A 70 -0.12 10.44 -21.94
N LEU A 71 -0.66 11.63 -21.71
CA LEU A 71 -1.40 12.31 -22.80
C LEU A 71 -0.42 12.68 -23.91
N ALA A 72 0.78 13.11 -23.52
CA ALA A 72 1.82 13.49 -24.50
C ALA A 72 2.21 12.30 -25.38
N TRP A 73 2.32 11.11 -24.76
CA TRP A 73 2.60 9.88 -25.46
C TRP A 73 1.51 9.56 -26.48
N ILE A 74 0.26 9.56 -26.04
CA ILE A 74 -0.88 9.33 -26.92
C ILE A 74 -0.91 10.36 -28.07
N ASP A 75 -0.62 11.62 -27.74
CA ASP A 75 -0.70 12.71 -28.73
C ASP A 75 0.36 12.51 -29.81
N GLU A 76 1.58 12.19 -29.37
CA GLU A 76 2.72 12.01 -30.27
C GLU A 76 2.57 10.76 -31.14
N ARG A 77 1.81 9.79 -30.66
CA ARG A 77 1.51 8.59 -31.45
C ARG A 77 0.39 8.82 -32.46
N GLY A 78 -0.23 10.00 -32.43
CA GLY A 78 -1.42 10.27 -33.26
C GLY A 78 -2.71 9.63 -32.75
N GLY A 79 -2.76 9.35 -31.44
CA GLY A 79 -3.95 8.81 -30.79
C GLY A 79 -5.10 9.77 -30.75
N VAL A 80 -4.80 11.06 -30.70
CA VAL A 80 -5.85 12.07 -30.58
C VAL A 80 -5.38 13.42 -31.11
N GLU A 81 -6.21 14.03 -31.96
CA GLU A 81 -5.95 15.38 -32.46
C GLU A 81 -6.50 16.40 -31.46
N LEU A 82 -5.61 17.09 -30.78
CA LEU A 82 -5.99 18.08 -29.79
C LEU A 82 -6.29 19.37 -30.56
N LYS A 83 -7.54 19.80 -30.58
CA LYS A 83 -7.92 20.96 -31.42
C LYS A 83 -9.19 21.68 -31.00
N GLY A 84 -9.25 22.97 -31.34
CA GLY A 84 -10.48 23.76 -31.12
C GLY A 84 -10.84 23.84 -29.65
N THR A 85 -12.12 23.64 -29.36
CA THR A 85 -12.67 23.54 -28.01
C THR A 85 -12.42 22.12 -27.46
N VAL A 86 -11.56 22.06 -26.44
CA VAL A 86 -11.23 20.81 -25.78
C VAL A 86 -11.98 20.79 -24.46
N VAL A 87 -12.69 19.69 -24.22
N VAL A 87 -12.65 19.69 -24.17
CA VAL A 87 -13.22 19.45 -22.87
CA VAL A 87 -13.27 19.50 -22.85
C VAL A 87 -12.33 18.44 -22.15
C VAL A 87 -12.52 18.41 -22.10
N ASP A 88 -12.10 18.71 -20.86
CA ASP A 88 -11.32 17.80 -20.05
C ASP A 88 -12.22 17.40 -18.89
N LEU A 89 -12.84 16.23 -19.04
CA LEU A 89 -13.75 15.70 -18.04
C LEU A 89 -13.02 14.90 -16.98
N GLY A 90 -13.19 15.29 -15.72
CA GLY A 90 -12.45 14.65 -14.63
C GLY A 90 -11.01 15.15 -14.65
N CYS A 91 -10.84 16.47 -14.61
CA CYS A 91 -9.51 17.03 -14.83
C CYS A 91 -8.58 16.87 -13.63
N GLY A 92 -9.14 16.64 -12.45
CA GLY A 92 -8.32 16.59 -11.23
C GLY A 92 -7.41 17.80 -11.13
N ARG A 93 -6.12 17.54 -10.91
CA ARG A 93 -5.13 18.64 -10.82
C ARG A 93 -5.02 19.43 -12.12
N GLY A 94 -5.36 18.81 -13.24
CA GLY A 94 -5.41 19.54 -14.50
C GLY A 94 -4.22 19.41 -15.44
N SER A 95 -3.43 18.34 -15.30
CA SER A 95 -2.25 18.13 -16.16
C SER A 95 -2.63 17.98 -17.62
N TRP A 96 -3.72 17.25 -17.90
CA TRP A 96 -4.17 17.12 -19.30
C TRP A 96 -4.59 18.47 -19.89
N SER A 97 -5.21 19.31 -19.07
CA SER A 97 -5.71 20.59 -19.53
C SER A 97 -4.56 21.53 -19.90
N TYR A 98 -3.51 21.53 -19.07
CA TYR A 98 -2.31 22.33 -19.31
C TYR A 98 -1.55 21.76 -20.49
N TYR A 99 -1.56 20.44 -20.64
CA TYR A 99 -0.98 19.87 -21.83
C TYR A 99 -1.72 20.33 -23.08
N ALA A 100 -3.04 20.12 -23.09
CA ALA A 100 -3.89 20.51 -24.20
C ALA A 100 -3.73 22.00 -24.52
N ALA A 101 -3.70 22.85 -23.49
CA ALA A 101 -3.64 24.30 -23.66
C ALA A 101 -2.35 24.81 -24.32
N SER A 102 -1.30 23.98 -24.27
CA SER A 102 -0.04 24.31 -24.93
C SER A 102 0.06 23.86 -26.39
N GLN A 103 -0.97 23.20 -26.91
CA GLN A 103 -0.93 22.68 -28.30
C GLN A 103 -1.47 23.66 -29.36
N PRO A 104 -0.86 23.65 -30.57
CA PRO A 104 -1.07 24.76 -31.52
C PRO A 104 -2.51 24.86 -32.04
N ASN A 105 -3.20 23.73 -32.17
CA ASN A 105 -4.55 23.73 -32.76
C ASN A 105 -5.66 23.95 -31.73
N VAL A 106 -5.31 23.92 -30.46
CA VAL A 106 -6.29 24.17 -29.38
C VAL A 106 -6.57 25.65 -29.20
N ARG A 107 -7.86 25.98 -29.17
CA ARG A 107 -8.34 27.35 -28.99
C ARG A 107 -8.78 27.66 -27.56
N GLU A 108 -9.38 26.68 -26.89
CA GLU A 108 -9.75 26.83 -25.48
C GLU A 108 -9.89 25.47 -24.79
N VAL A 109 -9.74 25.47 -23.47
CA VAL A 109 -9.92 24.24 -22.71
C VAL A 109 -10.92 24.48 -21.59
N LYS A 110 -11.98 23.70 -21.59
CA LYS A 110 -12.98 23.73 -20.57
C LYS A 110 -12.81 22.44 -19.75
N ALA A 111 -12.35 22.63 -18.52
CA ALA A 111 -11.92 21.56 -17.61
C ALA A 111 -12.88 21.44 -16.40
N TYR A 112 -13.26 20.21 -16.06
CA TYR A 112 -14.29 19.95 -15.05
C TYR A 112 -13.87 18.83 -14.12
N THR A 113 -14.07 19.01 -12.82
CA THR A 113 -13.78 17.93 -11.88
C THR A 113 -14.59 18.06 -10.59
N LEU A 114 -14.76 16.96 -9.89
CA LEU A 114 -15.53 16.93 -8.65
C LEU A 114 -14.91 17.87 -7.60
N GLY A 115 -13.64 17.64 -7.26
CA GLY A 115 -12.88 18.56 -6.41
C GLY A 115 -13.47 18.62 -5.00
N THR A 116 -14.30 17.65 -4.65
CA THR A 116 -14.92 17.59 -3.33
C THR A 116 -13.95 16.90 -2.38
N SER A 117 -14.36 16.73 -1.11
CA SER A 117 -13.48 16.12 -0.12
C SER A 117 -12.79 14.85 -0.58
N GLY A 118 -11.45 14.91 -0.57
CA GLY A 118 -10.60 13.77 -0.92
C GLY A 118 -10.53 13.53 -2.41
N HIS A 119 -10.86 14.56 -3.19
CA HIS A 119 -10.72 14.52 -4.65
C HIS A 119 -9.80 15.65 -5.05
N GLU A 120 -8.94 15.39 -6.03
CA GLU A 120 -7.99 16.39 -6.51
C GLU A 120 -8.70 17.64 -7.02
N LYS A 121 -8.18 18.80 -6.63
CA LYS A 121 -8.65 20.10 -7.13
C LYS A 121 -7.64 20.61 -8.15
N PRO A 122 -8.09 21.40 -9.13
CA PRO A 122 -7.15 21.94 -10.11
C PRO A 122 -6.01 22.70 -9.44
N ARG A 123 -4.82 22.52 -9.98
CA ARG A 123 -3.60 23.16 -9.50
C ARG A 123 -3.25 24.24 -10.53
N LEU A 124 -3.52 25.51 -10.19
CA LEU A 124 -3.22 26.63 -11.09
C LEU A 124 -1.72 26.90 -11.21
N VAL A 125 -1.23 26.95 -12.44
CA VAL A 125 0.16 27.34 -12.71
C VAL A 125 0.25 28.32 -13.87
N GLU A 126 1.43 28.93 -13.99
CA GLU A 126 1.66 30.04 -14.89
C GLU A 126 2.32 29.63 -16.22
N THR A 127 2.18 28.35 -16.59
CA THR A 127 2.82 27.80 -17.80
C THR A 127 2.11 28.26 -19.08
N PHE A 128 2.79 28.12 -20.21
CA PHE A 128 2.27 28.58 -21.51
C PHE A 128 0.88 28.00 -21.78
N GLY A 129 -0.05 28.87 -22.19
CA GLY A 129 -1.43 28.47 -22.48
C GLY A 129 -2.42 28.49 -21.31
N TRP A 130 -1.93 28.77 -20.10
CA TRP A 130 -2.82 28.81 -18.91
C TRP A 130 -4.11 29.62 -19.13
N ASN A 131 -4.03 30.69 -19.93
CA ASN A 131 -5.16 31.64 -20.10
C ASN A 131 -6.24 31.08 -21.00
N LEU A 132 -5.93 29.99 -21.70
CA LEU A 132 -6.90 29.32 -22.54
C LEU A 132 -7.80 28.35 -21.74
N ILE A 133 -7.44 28.06 -20.50
CA ILE A 133 -8.20 27.11 -19.67
C ILE A 133 -9.17 27.80 -18.73
N THR A 134 -10.38 27.24 -18.67
CA THR A 134 -11.35 27.52 -17.62
C THR A 134 -11.52 26.25 -16.79
N PHE A 135 -11.09 26.32 -15.52
CA PHE A 135 -11.29 25.20 -14.60
C PHE A 135 -12.58 25.40 -13.85
N LYS A 136 -13.38 24.35 -13.80
CA LYS A 136 -14.54 24.33 -12.94
C LYS A 136 -14.57 23.11 -12.02
N SER A 137 -14.33 23.34 -10.73
CA SER A 137 -14.51 22.30 -9.72
C SER A 137 -15.97 22.25 -9.27
N LYS A 138 -16.26 21.28 -8.42
CA LYS A 138 -17.59 21.07 -7.88
C LYS A 138 -18.63 20.81 -8.97
N VAL A 139 -18.27 19.90 -9.88
CA VAL A 139 -19.14 19.45 -10.96
C VAL A 139 -19.01 17.94 -11.08
N ASP A 140 -20.15 17.27 -11.11
CA ASP A 140 -20.24 15.84 -11.38
C ASP A 140 -20.45 15.73 -12.90
N VAL A 141 -19.41 15.30 -13.59
CA VAL A 141 -19.46 15.29 -15.05
C VAL A 141 -20.42 14.24 -15.57
N THR A 142 -20.74 13.21 -14.79
CA THR A 142 -21.73 12.23 -15.22
C THR A 142 -23.14 12.82 -15.36
N LYS A 143 -23.33 14.04 -14.85
CA LYS A 143 -24.62 14.71 -14.85
C LYS A 143 -24.59 16.02 -15.65
N MET A 144 -23.54 16.25 -16.42
CA MET A 144 -23.42 17.48 -17.19
C MET A 144 -24.01 17.28 -18.58
N GLU A 145 -24.70 18.32 -19.03
CA GLU A 145 -25.19 18.41 -20.37
C GLU A 145 -23.99 18.53 -21.34
N PRO A 146 -23.90 17.63 -22.34
CA PRO A 146 -22.83 17.81 -23.33
C PRO A 146 -23.03 19.13 -24.04
N PHE A 147 -21.92 19.75 -24.45
CA PHE A 147 -21.99 20.93 -25.29
C PHE A 147 -20.94 20.85 -26.36
N GLN A 148 -20.85 21.90 -27.18
CA GLN A 148 -19.92 21.98 -28.32
C GLN A 148 -18.45 21.79 -27.95
N ALA A 149 -17.83 20.79 -28.57
CA ALA A 149 -16.40 20.52 -28.37
C ALA A 149 -15.87 19.79 -29.56
N ASP A 150 -14.65 20.14 -29.94
CA ASP A 150 -13.94 19.50 -31.04
C ASP A 150 -13.09 18.33 -30.58
N THR A 151 -12.77 18.29 -29.28
CA THR A 151 -11.95 17.23 -28.68
C THR A 151 -12.54 16.90 -27.30
N VAL A 152 -12.82 15.63 -27.06
CA VAL A 152 -13.34 15.21 -25.75
C VAL A 152 -12.29 14.36 -25.03
N LEU A 153 -11.79 14.87 -23.91
CA LEU A 153 -10.80 14.16 -23.09
C LEU A 153 -11.46 13.70 -21.82
N CYS A 154 -11.14 12.51 -21.34
CA CYS A 154 -11.69 12.10 -20.05
C CYS A 154 -10.74 11.10 -19.41
N ASP A 155 -10.30 11.40 -18.21
CA ASP A 155 -9.32 10.55 -17.55
C ASP A 155 -9.87 10.09 -16.18
N ILE A 156 -11.16 9.77 -16.15
CA ILE A 156 -11.80 9.29 -14.93
C ILE A 156 -11.62 7.75 -14.78
N GLY A 157 -11.31 7.32 -13.56
CA GLY A 157 -11.26 5.89 -13.25
C GLY A 157 -10.22 5.74 -12.17
N GLU A 158 -10.67 5.51 -10.94
CA GLU A 158 -9.78 5.26 -9.82
C GLU A 158 -9.68 3.75 -9.59
N SER A 159 -8.47 3.22 -9.57
CA SER A 159 -8.25 1.81 -9.26
C SER A 159 -8.96 1.39 -7.98
N ASN A 160 -9.56 0.21 -8.04
CA ASN A 160 -10.24 -0.43 -6.91
C ASN A 160 -9.92 -1.92 -6.93
N PRO A 161 -9.68 -2.52 -5.72
CA PRO A 161 -9.35 -3.96 -5.66
C PRO A 161 -10.42 -4.85 -6.24
N THR A 162 -11.67 -4.40 -6.30
CA THR A 162 -12.75 -5.24 -6.83
C THR A 162 -13.02 -4.94 -8.31
N ALA A 163 -12.79 -5.92 -9.19
CA ALA A 163 -12.81 -5.66 -10.62
C ALA A 163 -14.22 -5.22 -11.07
N ALA A 164 -15.25 -5.79 -10.43
CA ALA A 164 -16.67 -5.46 -10.73
C ALA A 164 -17.01 -4.02 -10.38
N VAL A 165 -16.40 -3.48 -9.31
CA VAL A 165 -16.53 -2.05 -9.01
C VAL A 165 -15.90 -1.21 -10.14
N GLU A 166 -14.70 -1.60 -10.57
CA GLU A 166 -14.03 -0.92 -11.68
C GLU A 166 -14.84 -1.01 -12.99
N ALA A 167 -15.35 -2.21 -13.30
CA ALA A 167 -16.28 -2.37 -14.48
C ALA A 167 -17.47 -1.41 -14.43
N SER A 168 -18.11 -1.30 -13.26
CA SER A 168 -19.29 -0.43 -13.14
C SER A 168 -18.93 1.04 -13.37
N ARG A 169 -17.83 1.49 -12.78
CA ARG A 169 -17.40 2.87 -12.99
C ARG A 169 -16.99 3.12 -14.43
N THR A 170 -16.34 2.12 -15.04
CA THR A 170 -15.93 2.22 -16.44
C THR A 170 -17.14 2.38 -17.35
N LEU A 171 -18.15 1.53 -17.13
CA LEU A 171 -19.40 1.59 -17.88
C LEU A 171 -20.07 2.94 -17.77
N THR A 172 -20.10 3.48 -16.55
CA THR A 172 -20.66 4.81 -16.35
C THR A 172 -19.96 5.87 -17.17
N VAL A 173 -18.63 5.88 -17.15
CA VAL A 173 -17.84 6.82 -17.98
C VAL A 173 -18.14 6.65 -19.48
N LEU A 174 -18.10 5.42 -19.97
CA LEU A 174 -18.38 5.17 -21.38
C LEU A 174 -19.78 5.65 -21.82
N ASN A 175 -20.79 5.38 -20.99
CA ASN A 175 -22.15 5.87 -21.25
C ASN A 175 -22.19 7.42 -21.32
N VAL A 176 -21.49 8.07 -20.41
CA VAL A 176 -21.42 9.54 -20.41
C VAL A 176 -20.70 10.04 -21.68
N ILE A 177 -19.53 9.49 -21.95
CA ILE A 177 -18.75 9.87 -23.13
C ILE A 177 -19.54 9.64 -24.42
N SER A 178 -20.28 8.54 -24.51
CA SER A 178 -21.11 8.29 -25.72
C SER A 178 -22.06 9.46 -26.03
N ARG A 179 -22.62 10.09 -24.99
CA ARG A 179 -23.48 11.25 -25.18
C ARG A 179 -22.71 12.43 -25.77
N TRP A 180 -21.50 12.64 -25.29
CA TRP A 180 -20.64 13.67 -25.85
C TRP A 180 -20.30 13.42 -27.32
N LEU A 181 -19.95 12.18 -27.64
CA LEU A 181 -19.59 11.80 -29.01
C LEU A 181 -20.79 11.88 -29.96
N GLU A 182 -21.96 11.51 -29.48
CA GLU A 182 -23.22 11.63 -30.22
C GLU A 182 -23.51 13.10 -30.51
N TYR A 183 -23.34 13.97 -29.51
CA TYR A 183 -23.58 15.40 -29.66
C TYR A 183 -22.58 16.07 -30.60
N ASN A 184 -21.32 15.63 -30.56
CA ASN A 184 -20.25 16.26 -31.32
C ASN A 184 -19.75 15.35 -32.43
N GLN A 185 -20.61 15.14 -33.44
CA GLN A 185 -20.28 14.33 -34.62
C GLN A 185 -18.86 14.59 -35.13
N GLY A 186 -18.05 13.54 -35.14
CA GLY A 186 -16.70 13.62 -35.68
C GLY A 186 -15.61 14.19 -34.80
N CYS A 187 -15.93 14.50 -33.55
CA CYS A 187 -14.94 15.04 -32.65
C CYS A 187 -13.86 14.00 -32.37
N GLY A 188 -12.68 14.49 -32.02
CA GLY A 188 -11.59 13.67 -31.49
C GLY A 188 -11.88 13.32 -30.04
N PHE A 189 -11.24 12.24 -29.56
CA PHE A 189 -11.49 11.82 -28.18
C PHE A 189 -10.35 10.98 -27.61
N CYS A 190 -10.21 11.01 -26.30
CA CYS A 190 -9.23 10.17 -25.63
C CYS A 190 -9.80 9.97 -24.25
N VAL A 191 -10.19 8.72 -23.97
CA VAL A 191 -11.00 8.37 -22.80
C VAL A 191 -10.32 7.21 -22.05
N LYS A 192 -10.03 7.42 -20.76
CA LYS A 192 -9.58 6.32 -19.90
C LYS A 192 -10.61 5.20 -19.78
N VAL A 193 -10.14 3.95 -19.93
CA VAL A 193 -10.96 2.77 -19.71
C VAL A 193 -10.26 1.99 -18.60
N LEU A 194 -10.74 2.18 -17.37
CA LEU A 194 -10.04 1.65 -16.20
C LEU A 194 -9.96 0.13 -16.22
N ASN A 195 -11.10 -0.51 -16.49
CA ASN A 195 -11.17 -1.97 -16.59
C ASN A 195 -11.71 -2.29 -17.97
N PRO A 196 -10.80 -2.56 -18.93
CA PRO A 196 -11.20 -2.86 -20.29
C PRO A 196 -11.45 -4.34 -20.59
N TYR A 197 -11.19 -5.23 -19.62
CA TYR A 197 -11.34 -6.69 -19.88
C TYR A 197 -12.68 -7.28 -19.47
N SER A 198 -13.46 -6.53 -18.71
CA SER A 198 -14.78 -6.96 -18.31
C SER A 198 -15.66 -7.14 -19.57
N CYS A 199 -16.43 -8.22 -19.62
CA CYS A 199 -17.25 -8.47 -20.79
C CYS A 199 -18.21 -7.33 -21.12
N ASP A 200 -18.92 -6.78 -20.13
CA ASP A 200 -19.83 -5.65 -20.39
C ASP A 200 -19.11 -4.44 -20.97
N VAL A 201 -17.92 -4.19 -20.47
CA VAL A 201 -17.13 -3.08 -20.95
C VAL A 201 -16.69 -3.33 -22.38
N LEU A 202 -16.21 -4.54 -22.67
CA LEU A 202 -15.78 -4.87 -24.04
C LEU A 202 -16.90 -4.65 -25.04
N GLU A 203 -18.09 -5.14 -24.72
CA GLU A 203 -19.27 -4.92 -25.59
C GLU A 203 -19.64 -3.44 -25.74
N ALA A 204 -19.55 -2.68 -24.64
CA ALA A 204 -19.70 -1.24 -24.68
C ALA A 204 -18.68 -0.56 -25.59
N LEU A 205 -17.41 -0.97 -25.54
CA LEU A 205 -16.37 -0.37 -26.37
C LEU A 205 -16.57 -0.72 -27.85
N MET A 206 -16.96 -1.96 -28.12
CA MET A 206 -17.20 -2.36 -29.52
C MET A 206 -18.34 -1.52 -30.10
N LYS A 207 -19.35 -1.26 -29.27
CA LYS A 207 -20.50 -0.42 -29.72
C LYS A 207 -20.04 1.00 -29.98
N MET A 208 -19.23 1.57 -29.08
CA MET A 208 -18.66 2.92 -29.31
C MET A 208 -17.81 2.97 -30.56
N GLN A 209 -17.01 1.93 -30.76
CA GLN A 209 -16.16 1.86 -31.95
C GLN A 209 -17.02 1.78 -33.24
N ALA A 210 -18.12 1.00 -33.18
CA ALA A 210 -19.11 0.87 -34.29
C ALA A 210 -19.76 2.22 -34.61
N ARG A 211 -20.03 3.00 -33.56
CA ARG A 211 -20.71 4.28 -33.73
C ARG A 211 -19.79 5.43 -34.10
N PHE A 212 -18.59 5.44 -33.50
CA PHE A 212 -17.71 6.60 -33.50
C PHE A 212 -16.31 6.34 -34.06
N GLY A 213 -16.00 5.09 -34.40
CA GLY A 213 -14.65 4.70 -34.84
C GLY A 213 -13.64 4.61 -33.71
N GLY A 214 -12.37 4.82 -33.99
CA GLY A 214 -11.36 4.80 -32.91
C GLY A 214 -10.92 3.40 -32.53
N GLY A 215 -10.18 3.29 -31.43
CA GLY A 215 -9.55 2.03 -31.05
C GLY A 215 -9.14 2.13 -29.58
N LEU A 216 -8.54 1.06 -29.08
CA LEU A 216 -8.20 1.03 -27.66
C LEU A 216 -6.72 0.73 -27.55
N ILE A 217 -6.00 1.59 -26.83
CA ILE A 217 -4.54 1.45 -26.77
C ILE A 217 -4.01 1.42 -25.33
N ARG A 218 -2.87 0.76 -25.17
CA ARG A 218 -2.17 0.71 -23.89
C ARG A 218 -0.98 1.67 -23.97
N VAL A 219 -0.90 2.62 -23.04
CA VAL A 219 0.26 3.49 -22.94
C VAL A 219 1.32 2.74 -22.12
N PRO A 220 2.53 2.56 -22.66
CA PRO A 220 3.60 1.81 -21.99
C PRO A 220 4.11 2.47 -20.70
N LEU A 221 3.80 3.74 -20.54
CA LEU A 221 4.01 4.48 -19.29
C LEU A 221 3.06 4.08 -18.16
N SER A 222 1.92 3.46 -18.49
CA SER A 222 1.03 2.98 -17.41
C SER A 222 1.74 1.93 -16.58
N ARG A 223 1.50 1.96 -15.27
CA ARG A 223 2.11 0.98 -14.36
C ARG A 223 1.47 -0.39 -14.49
N ASN A 224 2.21 -1.43 -14.12
CA ASN A 224 1.68 -2.79 -14.30
C ASN A 224 0.52 -3.08 -13.34
N SER A 225 0.40 -2.25 -12.30
CA SER A 225 -0.68 -2.38 -11.30
C SER A 225 -2.03 -1.81 -11.75
N THR A 226 -2.09 -1.31 -13.00
CA THR A 226 -3.37 -0.93 -13.57
C THR A 226 -3.48 -1.51 -14.97
N HIS A 227 -4.67 -1.99 -15.34
CA HIS A 227 -4.95 -2.51 -16.67
C HIS A 227 -5.55 -1.39 -17.54
N GLU A 228 -5.43 -0.12 -17.09
CA GLU A 228 -6.02 1.03 -17.83
C GLU A 228 -5.59 1.04 -19.29
N MET A 229 -6.57 1.26 -20.16
CA MET A 229 -6.28 1.50 -21.57
C MET A 229 -7.07 2.75 -22.03
N TYR A 230 -6.76 3.26 -23.21
CA TYR A 230 -7.32 4.54 -23.63
C TYR A 230 -8.09 4.40 -24.93
N PHE A 231 -9.36 4.79 -24.89
CA PHE A 231 -10.20 4.70 -26.08
C PHE A 231 -9.97 6.01 -26.82
N VAL A 232 -9.42 5.89 -28.04
CA VAL A 232 -8.89 7.04 -28.76
C VAL A 232 -9.43 7.12 -30.21
N SER A 233 -9.57 8.34 -30.73
CA SER A 233 -10.11 8.55 -32.06
C SER A 233 -9.07 8.31 -33.16
N GLY A 234 -7.79 8.49 -32.85
CA GLY A 234 -6.72 8.57 -33.88
C GLY A 234 -6.21 7.23 -34.37
N ILE A 235 -6.42 6.18 -33.57
CA ILE A 235 -5.93 4.85 -33.89
C ILE A 235 -7.13 3.92 -34.00
N LYS A 236 -7.22 3.17 -35.10
CA LYS A 236 -8.32 2.23 -35.31
C LYS A 236 -7.79 0.81 -35.23
N ASN A 237 -8.15 0.07 -34.18
CA ASN A 237 -7.57 -1.25 -33.97
C ASN A 237 -8.55 -2.28 -33.46
N ASN A 238 -8.02 -3.47 -33.23
CA ASN A 238 -8.75 -4.62 -32.75
C ASN A 238 -8.78 -4.54 -31.22
N ILE A 239 -9.88 -3.99 -30.71
CA ILE A 239 -10.02 -3.72 -29.27
C ILE A 239 -9.80 -4.98 -28.39
N MET A 240 -10.58 -6.03 -28.64
CA MET A 240 -10.57 -7.26 -27.80
C MET A 240 -9.18 -7.91 -27.81
N GLY A 241 -8.56 -7.97 -29.00
CA GLY A 241 -7.21 -8.49 -29.17
C GLY A 241 -6.14 -7.70 -28.42
N ASN A 242 -6.26 -6.37 -28.44
CA ASN A 242 -5.35 -5.52 -27.72
C ASN A 242 -5.50 -5.72 -26.23
N VAL A 243 -6.74 -5.82 -25.76
CA VAL A 243 -6.98 -6.06 -24.31
C VAL A 243 -6.32 -7.36 -23.86
N THR A 244 -6.53 -8.42 -24.64
CA THR A 244 -5.99 -9.74 -24.31
C THR A 244 -4.47 -9.71 -24.32
N ALA A 245 -3.90 -8.98 -25.27
CA ALA A 245 -2.47 -8.86 -25.37
C ALA A 245 -1.86 -8.15 -24.14
N VAL A 246 -2.56 -7.15 -23.64
CA VAL A 246 -2.17 -6.46 -22.42
C VAL A 246 -2.29 -7.39 -21.21
N SER A 247 -3.39 -8.12 -21.09
CA SER A 247 -3.50 -9.12 -19.98
C SER A 247 -2.31 -10.10 -20.00
N ARG A 248 -2.00 -10.64 -21.18
CA ARG A 248 -0.91 -11.62 -21.27
C ARG A 248 0.44 -10.96 -20.95
N GLN A 249 0.66 -9.73 -21.40
CA GLN A 249 1.87 -9.00 -21.06
C GLN A 249 2.02 -8.76 -19.55
N LEU A 250 0.95 -8.27 -18.92
CA LEU A 250 0.98 -7.96 -17.49
C LEU A 250 1.13 -9.22 -16.64
N LEU A 251 0.55 -10.33 -17.08
CA LEU A 251 0.73 -11.62 -16.38
C LEU A 251 2.15 -12.15 -16.50
N LYS A 252 2.71 -12.13 -17.70
CA LYS A 252 4.13 -12.51 -17.93
C LYS A 252 5.03 -11.66 -17.05
N ARG A 253 4.76 -10.36 -16.96
CA ARG A 253 5.60 -9.52 -16.12
C ARG A 253 5.54 -9.89 -14.64
N MET A 254 4.46 -10.54 -14.24
CA MET A 254 4.32 -10.92 -12.84
C MET A 254 5.04 -12.26 -12.58
N GLU A 255 5.26 -13.05 -13.64
CA GLU A 255 6.00 -14.33 -13.55
C GLU A 255 7.46 -14.16 -13.14
N THR B 16 -14.53 -15.69 11.36
CA THR B 16 -14.28 -14.87 12.58
C THR B 16 -14.38 -13.37 12.28
N LEU B 17 -14.47 -12.54 13.33
CA LEU B 17 -14.42 -11.09 13.17
C LEU B 17 -13.08 -10.73 12.49
N GLY B 18 -12.01 -11.43 12.86
CA GLY B 18 -10.69 -11.15 12.24
C GLY B 18 -10.72 -11.41 10.73
N GLU B 19 -11.31 -12.52 10.32
CA GLU B 19 -11.45 -12.85 8.89
C GLU B 19 -12.31 -11.84 8.11
N ILE B 20 -13.38 -11.33 8.76
CA ILE B 20 -14.20 -10.28 8.17
C ILE B 20 -13.43 -8.97 8.00
N TRP B 21 -12.71 -8.56 9.05
CA TRP B 21 -11.76 -7.44 8.99
C TRP B 21 -10.81 -7.61 7.82
N LYS B 22 -10.20 -8.78 7.67
CA LYS B 22 -9.22 -8.98 6.61
C LYS B 22 -9.88 -8.83 5.23
N ARG B 23 -11.05 -9.47 5.06
CA ARG B 23 -11.78 -9.36 3.78
C ARG B 23 -12.07 -7.89 3.46
N LYS B 24 -12.59 -7.16 4.43
CA LYS B 24 -12.88 -5.73 4.30
C LYS B 24 -11.63 -4.89 3.98
N LEU B 25 -10.54 -5.18 4.67
CA LEU B 25 -9.26 -4.47 4.41
C LEU B 25 -8.82 -4.59 2.94
N ASN B 26 -8.90 -5.83 2.43
CA ASN B 26 -8.55 -6.16 1.05
C ASN B 26 -9.48 -5.47 0.02
N GLN B 27 -10.63 -4.99 0.47
CA GLN B 27 -11.55 -4.28 -0.42
C GLN B 27 -11.27 -2.78 -0.53
N LEU B 28 -10.41 -2.23 0.34
CA LEU B 28 -10.17 -0.79 0.37
C LEU B 28 -9.27 -0.40 -0.77
N ASP B 29 -9.57 0.74 -1.42
CA ASP B 29 -8.67 1.24 -2.46
C ASP B 29 -7.49 1.99 -1.81
N ALA B 30 -6.58 2.53 -2.63
CA ALA B 30 -5.35 3.13 -2.14
C ALA B 30 -5.63 4.24 -1.15
N LYS B 31 -6.53 5.15 -1.52
CA LYS B 31 -6.80 6.27 -0.63
C LYS B 31 -7.51 5.82 0.65
N GLU B 32 -8.48 4.92 0.50
CA GLU B 32 -9.25 4.40 1.64
C GLU B 32 -8.34 3.66 2.61
N PHE B 33 -7.44 2.86 2.06
CA PHE B 33 -6.47 2.11 2.86
C PHE B 33 -5.52 3.04 3.64
N MET B 34 -5.00 4.07 2.96
CA MET B 34 -4.11 5.03 3.60
C MET B 34 -4.80 5.74 4.75
N ALA B 35 -6.03 6.18 4.54
CA ALA B 35 -6.77 6.88 5.59
C ALA B 35 -7.14 5.92 6.72
N TYR B 36 -7.63 4.72 6.37
CA TYR B 36 -7.99 3.72 7.39
C TYR B 36 -6.82 3.30 8.28
N ARG B 37 -5.68 3.02 7.66
CA ARG B 37 -4.60 2.36 8.40
C ARG B 37 -4.03 3.23 9.53
N ARG B 38 -4.18 4.55 9.39
CA ARG B 38 -3.60 5.49 10.38
C ARG B 38 -4.68 6.04 11.31
N ARG B 39 -5.94 5.68 11.09
CA ARG B 39 -7.04 6.26 11.85
C ARG B 39 -6.97 5.98 13.35
N PHE B 40 -6.79 7.06 14.15
CA PHE B 40 -6.61 6.98 15.62
C PHE B 40 -5.37 6.21 16.06
N VAL B 41 -4.46 5.94 15.12
CA VAL B 41 -3.24 5.20 15.44
C VAL B 41 -2.18 6.16 15.98
N VAL B 42 -1.40 5.71 16.95
CA VAL B 42 -0.30 6.50 17.48
C VAL B 42 0.84 6.38 16.48
N GLU B 43 1.05 7.43 15.71
CA GLU B 43 2.04 7.40 14.62
C GLU B 43 3.25 8.21 15.03
N VAL B 44 4.39 7.56 15.25
CA VAL B 44 5.63 8.32 15.55
C VAL B 44 6.04 9.13 14.31
N ASP B 45 6.52 10.36 14.53
CA ASP B 45 7.00 11.19 13.45
C ASP B 45 8.45 10.81 13.07
N ARG B 46 8.59 10.14 11.94
CA ARG B 46 9.84 9.58 11.45
C ARG B 46 10.59 10.53 10.50
N ASN B 47 10.05 11.72 10.23
CA ASN B 47 10.68 12.57 9.19
C ASN B 47 12.20 12.80 9.38
N GLU B 48 12.57 13.29 10.58
CA GLU B 48 13.95 13.61 10.91
C GLU B 48 14.86 12.35 10.91
N ALA B 49 14.43 11.29 11.59
CA ALA B 49 15.15 10.02 11.53
C ALA B 49 15.40 9.54 10.09
N ARG B 50 14.36 9.56 9.27
CA ARG B 50 14.46 9.06 7.90
C ARG B 50 15.53 9.83 7.11
N GLU B 51 15.56 11.15 7.31
CA GLU B 51 16.56 12.00 6.66
C GLU B 51 17.98 11.66 7.13
N ALA B 52 18.18 11.61 8.45
CA ALA B 52 19.48 11.31 9.03
C ALA B 52 20.03 9.97 8.58
N LEU B 53 19.16 8.96 8.50
CA LEU B 53 19.54 7.64 8.04
C LEU B 53 19.86 7.67 6.54
N ALA B 54 19.01 8.32 5.75
CA ALA B 54 19.26 8.52 4.30
C ALA B 54 20.63 9.15 4.03
N LYS B 55 21.10 9.98 4.95
CA LYS B 55 22.43 10.60 4.87
C LYS B 55 23.53 9.77 5.58
N GLY B 56 23.17 8.58 6.04
CA GLY B 56 24.12 7.66 6.68
C GLY B 56 24.70 8.14 8.02
N LYS B 57 23.98 9.02 8.69
CA LYS B 57 24.43 9.52 10.00
C LYS B 57 24.27 8.42 11.05
N THR B 58 25.21 8.36 12.00
CA THR B 58 25.26 7.28 12.99
C THR B 58 25.13 7.80 14.41
N ASN B 59 25.25 9.11 14.59
CA ASN B 59 25.37 9.70 15.93
C ASN B 59 24.24 10.63 16.30
N THR B 60 23.08 10.45 15.69
CA THR B 60 22.00 11.41 15.86
C THR B 60 20.95 11.03 16.91
N GLY B 61 21.08 9.86 17.52
CA GLY B 61 20.10 9.43 18.55
C GLY B 61 18.78 8.90 17.97
N HIS B 62 18.73 8.66 16.66
CA HIS B 62 17.47 8.27 16.02
C HIS B 62 17.28 6.76 16.03
N ALA B 63 16.04 6.35 16.19
CA ALA B 63 15.67 4.93 15.99
C ALA B 63 15.81 4.59 14.52
N VAL B 64 16.20 3.35 14.23
CA VAL B 64 16.42 2.93 12.86
C VAL B 64 15.11 2.51 12.14
N SER B 65 14.05 2.37 12.93
CA SER B 65 12.71 2.12 12.37
C SER B 65 11.66 2.45 13.41
N ARG B 66 10.38 2.36 13.00
CA ARG B 66 9.21 2.48 13.89
C ARG B 66 9.12 1.42 15.00
N GLY B 67 9.88 0.35 14.85
CA GLY B 67 9.88 -0.75 15.83
C GLY B 67 10.31 -0.33 17.22
N THR B 68 11.25 0.61 17.32
CA THR B 68 11.75 0.96 18.67
C THR B 68 10.60 1.49 19.54
N ALA B 69 9.81 2.41 18.99
CA ALA B 69 8.71 2.99 19.78
C ALA B 69 7.65 1.95 20.21
N LYS B 70 7.45 0.91 19.38
CA LYS B 70 6.53 -0.19 19.74
C LYS B 70 7.08 -0.96 20.94
N LEU B 71 8.34 -1.36 20.87
CA LEU B 71 8.95 -2.06 22.02
C LEU B 71 8.98 -1.17 23.27
N ALA B 72 9.33 0.10 23.10
CA ALA B 72 9.32 1.05 24.22
C ALA B 72 7.93 1.09 24.87
N TRP B 73 6.88 1.06 24.03
CA TRP B 73 5.51 1.15 24.56
C TRP B 73 5.18 -0.10 25.41
N ILE B 74 5.56 -1.27 24.92
CA ILE B 74 5.32 -2.50 25.63
C ILE B 74 6.09 -2.49 26.93
N ASP B 75 7.33 -2.01 26.85
CA ASP B 75 8.26 -2.14 28.01
C ASP B 75 7.74 -1.25 29.12
N GLU B 76 7.31 -0.05 28.74
CA GLU B 76 6.91 0.98 29.68
C GLU B 76 5.65 0.56 30.42
N ARG B 77 4.93 -0.40 29.86
CA ARG B 77 3.69 -0.87 30.45
C ARG B 77 3.86 -2.18 31.17
N GLY B 78 5.14 -2.56 31.36
CA GLY B 78 5.45 -3.77 32.09
C GLY B 78 5.19 -5.05 31.33
N GLY B 79 5.14 -5.00 30.00
CA GLY B 79 4.86 -6.20 29.22
C GLY B 79 6.02 -7.16 29.10
N VAL B 80 7.25 -6.66 29.26
CA VAL B 80 8.45 -7.50 29.16
C VAL B 80 9.63 -6.94 29.98
N GLU B 81 10.19 -7.79 30.85
CA GLU B 81 11.38 -7.46 31.60
C GLU B 81 12.61 -7.64 30.70
N LEU B 82 13.20 -6.53 30.27
CA LEU B 82 14.43 -6.59 29.48
C LEU B 82 15.64 -6.61 30.39
N LYS B 83 16.36 -7.72 30.36
CA LYS B 83 17.57 -7.83 31.17
C LYS B 83 18.48 -8.92 30.69
N GLY B 84 19.73 -8.88 31.18
CA GLY B 84 20.65 -9.97 30.99
C GLY B 84 21.02 -10.11 29.53
N THR B 85 21.02 -11.36 29.07
CA THR B 85 21.30 -11.68 27.68
C THR B 85 19.95 -11.66 26.95
N VAL B 86 19.84 -10.78 25.96
CA VAL B 86 18.62 -10.62 25.18
C VAL B 86 18.87 -11.16 23.78
N VAL B 87 17.97 -12.03 23.29
CA VAL B 87 18.04 -12.44 21.87
C VAL B 87 16.93 -11.71 21.11
N ASP B 88 17.27 -11.23 19.92
CA ASP B 88 16.34 -10.51 19.03
C ASP B 88 16.29 -11.33 17.72
N LEU B 89 15.23 -12.12 17.60
CA LEU B 89 15.06 -13.05 16.49
C LEU B 89 14.31 -12.33 15.38
N GLY B 90 14.86 -12.29 14.16
CA GLY B 90 14.28 -11.49 13.06
C GLY B 90 14.50 -10.01 13.31
N CYS B 91 15.73 -9.61 13.57
CA CYS B 91 15.97 -8.23 13.98
C CYS B 91 15.78 -7.16 12.88
N GLY B 92 15.92 -7.57 11.61
CA GLY B 92 15.75 -6.60 10.52
C GLY B 92 16.79 -5.51 10.67
N ARG B 93 16.34 -4.26 10.58
CA ARG B 93 17.22 -3.10 10.74
C ARG B 93 17.83 -3.01 12.14
N GLY B 94 17.17 -3.62 13.11
CA GLY B 94 17.74 -3.72 14.43
C GLY B 94 17.11 -2.85 15.50
N SER B 95 15.96 -2.24 15.23
CA SER B 95 15.42 -1.23 16.18
C SER B 95 15.07 -1.79 17.56
N TRP B 96 14.64 -3.07 17.62
CA TRP B 96 14.38 -3.68 18.93
C TRP B 96 15.71 -3.93 19.68
N SER B 97 16.74 -4.33 18.93
CA SER B 97 18.05 -4.56 19.55
C SER B 97 18.63 -3.26 20.09
N TYR B 98 18.54 -2.19 19.32
CA TYR B 98 19.02 -0.90 19.83
C TYR B 98 18.24 -0.43 21.08
N TYR B 99 16.92 -0.67 21.10
CA TYR B 99 16.12 -0.32 22.28
C TYR B 99 16.65 -1.11 23.47
N ALA B 100 16.75 -2.42 23.30
CA ALA B 100 17.16 -3.30 24.37
C ALA B 100 18.56 -2.96 24.89
N ALA B 101 19.45 -2.68 23.96
CA ALA B 101 20.84 -2.40 24.28
C ALA B 101 21.00 -1.16 25.14
N SER B 102 20.04 -0.24 25.07
CA SER B 102 20.12 1.02 25.82
C SER B 102 19.56 0.88 27.23
N GLN B 103 18.96 -0.27 27.53
CA GLN B 103 18.18 -0.45 28.77
C GLN B 103 19.08 -0.87 29.94
N PRO B 104 18.87 -0.25 31.14
CA PRO B 104 19.76 -0.43 32.31
C PRO B 104 20.14 -1.86 32.66
N ASN B 105 19.19 -2.79 32.60
CA ASN B 105 19.49 -4.13 33.09
C ASN B 105 19.94 -5.11 32.01
N VAL B 106 19.99 -4.65 30.76
CA VAL B 106 20.49 -5.48 29.66
C VAL B 106 22.02 -5.49 29.63
N ARG B 107 22.60 -6.68 29.44
CA ARG B 107 24.06 -6.86 29.43
C ARG B 107 24.63 -7.13 28.03
N GLU B 108 23.87 -7.84 27.20
CA GLU B 108 24.26 -8.09 25.82
C GLU B 108 23.01 -8.40 25.00
N VAL B 109 23.12 -8.15 23.71
CA VAL B 109 22.03 -8.40 22.78
C VAL B 109 22.59 -9.24 21.61
N LYS B 110 22.01 -10.40 21.35
CA LYS B 110 22.38 -11.25 20.19
C LYS B 110 21.23 -11.19 19.18
N ALA B 111 21.48 -10.55 18.03
CA ALA B 111 20.44 -10.20 17.04
C ALA B 111 20.71 -11.00 15.78
N TYR B 112 19.64 -11.51 15.16
CA TYR B 112 19.75 -12.44 14.03
C TYR B 112 18.69 -12.09 13.03
N THR B 113 19.04 -12.15 11.74
CA THR B 113 18.05 -11.82 10.72
C THR B 113 18.52 -12.41 9.39
N LEU B 114 17.57 -12.61 8.47
CA LEU B 114 17.90 -13.11 7.14
C LEU B 114 18.83 -12.12 6.44
N GLY B 115 18.36 -10.87 6.24
CA GLY B 115 19.19 -9.82 5.67
C GLY B 115 19.61 -10.10 4.24
N THR B 116 18.82 -10.89 3.53
CA THR B 116 19.14 -11.32 2.17
C THR B 116 18.32 -10.47 1.22
N SER B 117 18.61 -10.54 -0.08
CA SER B 117 17.83 -9.80 -1.07
C SER B 117 16.34 -9.73 -0.77
N GLY B 118 15.82 -8.51 -0.73
CA GLY B 118 14.44 -8.26 -0.39
C GLY B 118 14.23 -7.95 1.08
N HIS B 119 15.15 -8.43 1.93
CA HIS B 119 14.96 -8.38 3.40
C HIS B 119 15.80 -7.26 4.04
N GLU B 120 15.31 -6.68 5.14
CA GLU B 120 16.01 -5.56 5.79
C GLU B 120 17.34 -6.06 6.37
N LYS B 121 18.43 -5.31 6.18
CA LYS B 121 19.70 -5.66 6.80
C LYS B 121 19.90 -4.79 8.07
N PRO B 122 20.65 -5.27 9.08
CA PRO B 122 20.88 -4.40 10.22
C PRO B 122 21.42 -3.03 9.81
N ARG B 123 20.86 -1.98 10.39
CA ARG B 123 21.35 -0.63 10.13
C ARG B 123 22.32 -0.31 11.28
N LEU B 124 23.57 0.09 10.97
CA LEU B 124 24.59 0.22 12.01
C LEU B 124 24.72 1.66 12.46
N VAL B 125 24.22 1.96 13.65
CA VAL B 125 24.25 3.31 14.20
C VAL B 125 24.75 3.23 15.63
N GLU B 126 25.00 4.38 16.25
CA GLU B 126 25.69 4.42 17.53
C GLU B 126 24.84 4.98 18.65
N THR B 127 23.57 4.56 18.70
CA THR B 127 22.73 4.95 19.81
C THR B 127 23.21 4.24 21.07
N PHE B 128 22.87 4.78 22.24
CA PHE B 128 23.38 4.32 23.53
C PHE B 128 23.35 2.81 23.74
N GLY B 129 24.52 2.24 23.97
CA GLY B 129 24.65 0.81 24.20
C GLY B 129 24.83 -0.04 22.95
N TRP B 130 24.95 0.59 21.78
CA TRP B 130 25.07 -0.14 20.50
C TRP B 130 26.13 -1.23 20.53
N ASN B 131 27.21 -0.98 21.29
CA ASN B 131 28.36 -1.89 21.38
C ASN B 131 28.00 -3.21 22.09
N LEU B 132 26.87 -3.25 22.77
CA LEU B 132 26.41 -4.51 23.39
C LEU B 132 25.72 -5.48 22.41
N ILE B 133 25.55 -5.05 21.15
CA ILE B 133 24.81 -5.85 20.17
C ILE B 133 25.73 -6.61 19.24
N THR B 134 25.49 -7.90 19.06
CA THR B 134 26.15 -8.62 17.99
C THR B 134 25.07 -8.91 16.96
N PHE B 135 25.22 -8.36 15.77
CA PHE B 135 24.31 -8.63 14.68
C PHE B 135 24.82 -9.79 13.83
N LYS B 136 23.94 -10.73 13.48
CA LYS B 136 24.35 -11.79 12.55
C LYS B 136 23.28 -11.91 11.46
N SER B 137 23.70 -11.72 10.20
CA SER B 137 22.83 -11.86 9.05
C SER B 137 22.97 -13.23 8.39
N LYS B 138 22.10 -13.48 7.40
CA LYS B 138 22.04 -14.76 6.69
C LYS B 138 21.77 -15.90 7.67
N VAL B 139 20.97 -15.60 8.68
CA VAL B 139 20.55 -16.60 9.63
C VAL B 139 19.04 -16.83 9.50
N ASP B 140 18.67 -18.08 9.21
CA ASP B 140 17.28 -18.46 9.30
C ASP B 140 16.97 -18.93 10.73
N VAL B 141 16.22 -18.11 11.46
CA VAL B 141 15.97 -18.45 12.86
C VAL B 141 15.07 -19.68 13.01
N THR B 142 14.34 -20.07 11.96
CA THR B 142 13.57 -21.33 12.03
C THR B 142 14.48 -22.57 12.05
N LYS B 143 15.73 -22.40 11.63
CA LYS B 143 16.69 -23.50 11.67
C LYS B 143 17.70 -23.38 12.81
N MET B 144 17.60 -22.30 13.59
CA MET B 144 18.52 -22.06 14.69
C MET B 144 17.98 -22.72 15.98
N GLU B 145 18.85 -23.34 16.76
CA GLU B 145 18.41 -23.90 18.05
C GLU B 145 18.57 -22.87 19.18
N PRO B 146 17.73 -22.95 20.22
CA PRO B 146 17.89 -22.04 21.34
C PRO B 146 19.19 -22.20 22.08
N PHE B 147 19.56 -21.14 22.79
CA PHE B 147 20.67 -21.15 23.72
C PHE B 147 20.25 -20.25 24.88
N GLN B 148 21.17 -20.09 25.83
CA GLN B 148 20.82 -19.43 27.08
C GLN B 148 20.54 -17.95 26.81
N ALA B 149 19.36 -17.51 27.25
CA ALA B 149 18.93 -16.12 27.11
C ALA B 149 18.01 -15.80 28.28
N ASP B 150 18.15 -14.61 28.84
CA ASP B 150 17.27 -14.12 29.88
C ASP B 150 16.00 -13.46 29.32
N THR B 151 16.09 -12.94 28.10
CA THR B 151 14.96 -12.27 27.46
C THR B 151 14.92 -12.74 26.01
N VAL B 152 13.74 -13.19 25.56
CA VAL B 152 13.57 -13.61 24.17
C VAL B 152 12.62 -12.67 23.40
N LEU B 153 13.18 -11.98 22.41
CA LEU B 153 12.42 -11.07 21.57
C LEU B 153 12.30 -11.64 20.18
N CYS B 154 11.13 -11.48 19.57
CA CYS B 154 10.91 -11.91 18.19
C CYS B 154 9.84 -11.04 17.55
N ASP B 155 10.20 -10.38 16.47
CA ASP B 155 9.28 -9.52 15.75
C ASP B 155 9.12 -9.91 14.25
N ILE B 156 9.08 -11.20 14.01
CA ILE B 156 8.98 -11.75 12.66
C ILE B 156 7.50 -11.82 12.28
N GLY B 157 7.19 -11.44 11.04
CA GLY B 157 5.84 -11.58 10.46
C GLY B 157 5.61 -10.40 9.55
N GLU B 158 5.69 -10.64 8.24
CA GLU B 158 5.43 -9.61 7.25
C GLU B 158 3.96 -9.73 6.85
N SER B 159 3.24 -8.61 6.89
CA SER B 159 1.83 -8.60 6.46
C SER B 159 1.70 -9.15 5.02
N ASN B 160 0.63 -9.89 4.78
CA ASN B 160 0.38 -10.46 3.44
C ASN B 160 -1.13 -10.40 3.20
N PRO B 161 -1.56 -10.11 1.96
CA PRO B 161 -3.03 -10.07 1.72
C PRO B 161 -3.74 -11.38 2.00
N THR B 162 -3.04 -12.50 1.93
CA THR B 162 -3.64 -13.81 2.15
C THR B 162 -3.51 -14.18 3.62
N ALA B 163 -4.64 -14.15 4.33
CA ALA B 163 -4.62 -14.45 5.78
C ALA B 163 -4.00 -15.82 6.09
N ALA B 164 -4.20 -16.80 5.19
CA ALA B 164 -3.65 -18.15 5.38
C ALA B 164 -2.11 -18.14 5.38
N VAL B 165 -1.53 -17.29 4.55
CA VAL B 165 -0.07 -17.13 4.50
C VAL B 165 0.37 -16.58 5.85
N GLU B 166 -0.30 -15.55 6.33
CA GLU B 166 0.08 -14.96 7.63
C GLU B 166 -0.07 -15.95 8.79
N ALA B 167 -1.14 -16.73 8.75
CA ALA B 167 -1.36 -17.81 9.75
C ALA B 167 -0.21 -18.82 9.79
N SER B 168 0.26 -19.32 8.63
CA SER B 168 1.38 -20.27 8.63
C SER B 168 2.69 -19.64 9.11
N ARG B 169 2.97 -18.41 8.66
CA ARG B 169 4.13 -17.68 9.19
C ARG B 169 4.08 -17.52 10.71
N THR B 170 2.91 -17.19 11.25
CA THR B 170 2.74 -16.97 12.69
C THR B 170 2.97 -18.28 13.44
N LEU B 171 2.39 -19.36 12.92
CA LEU B 171 2.54 -20.69 13.52
C LEU B 171 4.00 -21.14 13.52
N THR B 172 4.70 -20.88 12.43
CA THR B 172 6.11 -21.20 12.37
C THR B 172 6.90 -20.47 13.48
N VAL B 173 6.67 -19.17 13.61
CA VAL B 173 7.30 -18.33 14.66
C VAL B 173 6.99 -18.93 16.04
N LEU B 174 5.72 -19.24 16.30
CA LEU B 174 5.32 -19.74 17.63
C LEU B 174 5.98 -21.07 17.99
N ASN B 175 6.11 -21.93 16.98
CA ASN B 175 6.77 -23.23 17.16
C ASN B 175 8.24 -23.07 17.53
N VAL B 176 8.96 -22.19 16.81
CA VAL B 176 10.33 -21.80 17.15
C VAL B 176 10.43 -21.21 18.55
N ILE B 177 9.56 -20.24 18.84
CA ILE B 177 9.57 -19.57 20.15
C ILE B 177 9.33 -20.53 21.30
N SER B 178 8.42 -21.50 21.10
CA SER B 178 8.20 -22.54 22.11
C SER B 178 9.49 -23.18 22.57
N ARG B 179 10.41 -23.44 21.65
CA ARG B 179 11.69 -24.12 22.01
C ARG B 179 12.54 -23.21 22.89
N TRP B 180 12.56 -21.94 22.53
CA TRP B 180 13.31 -20.92 23.30
C TRP B 180 12.74 -20.80 24.70
N LEU B 181 11.42 -20.81 24.80
CA LEU B 181 10.74 -20.62 26.08
C LEU B 181 10.91 -21.83 26.96
N GLU B 182 10.87 -23.01 26.35
CA GLU B 182 11.13 -24.25 27.10
C GLU B 182 12.57 -24.29 27.61
N TYR B 183 13.52 -23.96 26.75
CA TYR B 183 14.95 -23.99 27.09
C TYR B 183 15.31 -23.02 28.22
N ASN B 184 14.69 -21.83 28.16
CA ASN B 184 14.96 -20.74 29.08
C ASN B 184 13.84 -20.53 30.08
N GLN B 185 13.77 -21.40 31.08
CA GLN B 185 12.69 -21.32 32.08
C GLN B 185 12.63 -19.96 32.75
N GLY B 186 11.44 -19.39 32.79
CA GLY B 186 11.24 -18.10 33.43
C GLY B 186 11.73 -16.88 32.70
N CYS B 187 12.23 -17.05 31.47
CA CYS B 187 12.76 -15.88 30.75
C CYS B 187 11.63 -14.89 30.47
N GLY B 188 12.00 -13.63 30.30
CA GLY B 188 11.05 -12.63 29.78
C GLY B 188 10.90 -12.83 28.28
N PHE B 189 9.76 -12.45 27.71
CA PHE B 189 9.59 -12.59 26.27
C PHE B 189 8.61 -11.60 25.68
N CYS B 190 8.76 -11.34 24.38
CA CYS B 190 7.87 -10.41 23.65
C CYS B 190 7.99 -10.82 22.17
N VAL B 191 6.91 -11.38 21.67
CA VAL B 191 6.93 -12.09 20.41
C VAL B 191 5.75 -11.61 19.55
N LYS B 192 6.04 -11.14 18.33
CA LYS B 192 4.98 -10.74 17.41
C LYS B 192 4.12 -11.94 17.02
N VAL B 193 2.80 -11.72 17.04
CA VAL B 193 1.83 -12.71 16.54
C VAL B 193 1.09 -12.03 15.39
N LEU B 194 1.53 -12.31 14.17
CA LEU B 194 1.10 -11.49 13.02
C LEU B 194 -0.39 -11.60 12.75
N ASN B 195 -0.86 -12.86 12.71
CA ASN B 195 -2.28 -13.20 12.59
C ASN B 195 -2.67 -13.96 13.86
N PRO B 196 -3.24 -13.25 14.85
CA PRO B 196 -3.60 -13.88 16.10
C PRO B 196 -5.05 -14.43 16.14
N TYR B 197 -5.83 -14.18 15.08
CA TYR B 197 -7.25 -14.60 15.07
C TYR B 197 -7.45 -15.95 14.39
N SER B 198 -6.46 -16.42 13.64
CA SER B 198 -6.52 -17.76 13.07
C SER B 198 -6.72 -18.82 14.16
N CYS B 199 -7.71 -19.70 13.95
CA CYS B 199 -8.04 -20.75 14.91
C CYS B 199 -6.81 -21.58 15.34
N ASP B 200 -5.97 -21.98 14.38
CA ASP B 200 -4.75 -22.76 14.68
C ASP B 200 -3.75 -21.95 15.51
N VAL B 201 -3.63 -20.66 15.20
CA VAL B 201 -2.75 -19.80 16.00
C VAL B 201 -3.28 -19.66 17.42
N LEU B 202 -4.59 -19.41 17.56
CA LEU B 202 -5.18 -19.29 18.90
C LEU B 202 -4.96 -20.56 19.73
N GLU B 203 -5.04 -21.72 19.08
CA GLU B 203 -4.82 -22.99 19.78
C GLU B 203 -3.38 -23.08 20.27
N ALA B 204 -2.43 -22.78 19.37
CA ALA B 204 -0.97 -22.75 19.71
C ALA B 204 -0.66 -21.79 20.87
N LEU B 205 -1.21 -20.57 20.82
CA LEU B 205 -1.04 -19.56 21.87
C LEU B 205 -1.64 -19.95 23.23
N MET B 206 -2.81 -20.58 23.22
CA MET B 206 -3.41 -21.05 24.46
C MET B 206 -2.48 -22.06 25.12
N LYS B 207 -1.91 -22.96 24.31
CA LYS B 207 -0.97 -23.97 24.78
C LYS B 207 0.28 -23.31 25.37
N MET B 208 0.83 -22.33 24.65
CA MET B 208 2.00 -21.62 25.14
C MET B 208 1.75 -20.82 26.40
N GLN B 209 0.60 -20.17 26.51
CA GLN B 209 0.28 -19.43 27.73
C GLN B 209 0.15 -20.38 28.91
N ALA B 210 -0.43 -21.55 28.67
CA ALA B 210 -0.53 -22.59 29.71
C ALA B 210 0.85 -23.02 30.22
N ARG B 211 1.82 -23.19 29.31
CA ARG B 211 3.18 -23.63 29.63
C ARG B 211 4.04 -22.49 30.22
N PHE B 212 3.91 -21.30 29.66
CA PHE B 212 4.85 -20.21 29.91
C PHE B 212 4.28 -18.94 30.60
N GLY B 213 2.95 -18.86 30.70
CA GLY B 213 2.27 -17.70 31.31
C GLY B 213 2.12 -16.58 30.29
N GLY B 214 2.04 -15.37 30.79
CA GLY B 214 1.95 -14.20 29.91
C GLY B 214 0.57 -13.99 29.31
N GLY B 215 0.55 -13.24 28.22
CA GLY B 215 -0.70 -12.72 27.67
C GLY B 215 -0.48 -12.13 26.31
N LEU B 216 -1.56 -11.65 25.68
CA LEU B 216 -1.47 -11.19 24.29
C LEU B 216 -2.02 -9.80 24.21
N ILE B 217 -1.19 -8.85 23.81
CA ILE B 217 -1.56 -7.44 23.90
C ILE B 217 -1.52 -6.72 22.56
N ARG B 218 -2.30 -5.65 22.46
CA ARG B 218 -2.34 -4.81 21.26
C ARG B 218 -1.57 -3.52 21.49
N VAL B 219 -0.63 -3.23 20.60
CA VAL B 219 0.08 -1.95 20.67
C VAL B 219 -0.63 -0.87 19.83
N PRO B 220 -1.02 0.26 20.46
CA PRO B 220 -1.81 1.26 19.70
C PRO B 220 -1.05 1.99 18.62
N LEU B 221 0.27 1.74 18.55
CA LEU B 221 1.10 2.24 17.49
C LEU B 221 0.99 1.35 16.24
N SER B 222 0.48 0.12 16.41
CA SER B 222 0.26 -0.77 15.29
C SER B 222 -0.83 -0.17 14.39
N ARG B 223 -0.63 -0.25 13.08
CA ARG B 223 -1.61 0.32 12.13
C ARG B 223 -2.88 -0.52 12.07
N ASN B 224 -3.98 0.10 11.67
CA ASN B 224 -5.24 -0.63 11.60
C ASN B 224 -5.21 -1.66 10.46
N SER B 225 -4.24 -1.53 9.55
CA SER B 225 -4.03 -2.45 8.41
C SER B 225 -3.37 -3.77 8.79
N THR B 226 -3.02 -3.93 10.07
CA THR B 226 -2.47 -5.19 10.58
C THR B 226 -3.15 -5.55 11.90
N HIS B 227 -3.43 -6.84 12.06
CA HIS B 227 -4.07 -7.32 13.27
C HIS B 227 -3.02 -7.80 14.27
N GLU B 228 -1.76 -7.42 14.05
CA GLU B 228 -0.67 -7.97 14.88
C GLU B 228 -0.89 -7.69 16.36
N MET B 229 -0.54 -8.66 17.17
CA MET B 229 -0.55 -8.47 18.63
C MET B 229 0.73 -9.11 19.14
N TYR B 230 1.02 -8.88 20.41
CA TYR B 230 2.29 -9.33 21.00
C TYR B 230 2.08 -10.25 22.17
N PHE B 231 2.71 -11.40 22.09
CA PHE B 231 2.69 -12.37 23.18
C PHE B 231 3.83 -12.00 24.10
N VAL B 232 3.47 -11.63 25.33
CA VAL B 232 4.43 -10.99 26.26
C VAL B 232 4.35 -11.66 27.62
N SER B 233 5.46 -11.63 28.33
CA SER B 233 5.59 -12.31 29.61
C SER B 233 5.04 -11.50 30.80
N GLY B 234 4.95 -10.18 30.66
CA GLY B 234 4.76 -9.36 31.87
C GLY B 234 3.31 -9.02 32.18
N ILE B 235 2.41 -9.29 31.23
CA ILE B 235 1.00 -8.98 31.40
C ILE B 235 0.26 -10.31 31.19
N LYS B 236 -0.61 -10.67 32.12
CA LYS B 236 -1.44 -11.87 31.97
C LYS B 236 -2.86 -11.50 31.63
N ASN B 237 -3.40 -12.08 30.56
CA ASN B 237 -4.79 -11.76 30.18
C ASN B 237 -5.51 -12.89 29.46
N ASN B 238 -6.75 -12.64 29.08
CA ASN B 238 -7.50 -13.67 28.37
C ASN B 238 -7.19 -13.43 26.92
N ILE B 239 -6.52 -14.41 26.32
CA ILE B 239 -5.97 -14.26 24.98
C ILE B 239 -7.11 -14.19 23.96
N MET B 240 -8.03 -15.15 23.98
CA MET B 240 -9.14 -15.18 23.02
C MET B 240 -10.00 -13.93 23.15
N GLY B 241 -10.23 -13.50 24.38
CA GLY B 241 -10.96 -12.30 24.65
C GLY B 241 -10.28 -11.07 24.05
N ASN B 242 -8.96 -10.96 24.24
CA ASN B 242 -8.29 -9.77 23.73
C ASN B 242 -8.22 -9.76 22.20
N VAL B 243 -8.12 -10.94 21.59
CA VAL B 243 -8.07 -11.05 20.12
C VAL B 243 -9.37 -10.53 19.54
N THR B 244 -10.49 -10.98 20.12
CA THR B 244 -11.80 -10.53 19.68
C THR B 244 -12.03 -9.05 19.86
N ALA B 245 -11.60 -8.49 21.01
CA ALA B 245 -11.64 -7.08 21.30
C ALA B 245 -10.91 -6.28 20.20
N VAL B 246 -9.73 -6.76 19.79
CA VAL B 246 -9.00 -6.08 18.71
C VAL B 246 -9.79 -6.13 17.40
N SER B 247 -10.29 -7.31 17.03
CA SER B 247 -11.11 -7.45 15.81
C SER B 247 -12.24 -6.43 15.81
N ARG B 248 -12.97 -6.37 16.93
CA ARG B 248 -14.08 -5.41 17.07
C ARG B 248 -13.62 -3.98 16.83
N GLN B 249 -12.48 -3.60 17.45
CA GLN B 249 -11.99 -2.23 17.36
C GLN B 249 -11.63 -1.91 15.94
N LEU B 250 -10.93 -2.83 15.29
CA LEU B 250 -10.47 -2.59 13.93
C LEU B 250 -11.65 -2.52 12.98
N LEU B 251 -12.67 -3.33 13.23
CA LEU B 251 -13.90 -3.26 12.42
C LEU B 251 -14.63 -1.94 12.64
N LYS B 252 -14.72 -1.49 13.89
CA LYS B 252 -15.37 -0.22 14.24
C LYS B 252 -14.69 0.96 13.55
N ARG B 253 -13.35 0.97 13.58
CA ARG B 253 -12.59 2.06 13.00
C ARG B 253 -12.79 2.19 11.51
N MET B 254 -13.20 1.10 10.86
CA MET B 254 -13.47 1.10 9.43
C MET B 254 -14.71 1.95 9.05
N GLU B 255 -15.63 2.10 10.00
CA GLU B 255 -16.82 2.90 9.72
C GLU B 255 -16.79 4.27 10.42
N GLU B 256 -15.60 4.70 10.80
CA GLU B 256 -15.43 5.98 11.50
C GLU B 256 -14.55 6.87 10.68
N GLN B 257 -14.58 8.16 11.01
CA GLN B 257 -13.78 9.16 10.33
C GLN B 257 -12.77 9.69 11.32
N GLY B 258 -11.62 10.14 10.85
CA GLY B 258 -10.60 10.70 11.74
C GLY B 258 -9.20 10.39 11.30
N GLY B 259 -8.24 11.09 11.90
CA GLY B 259 -6.84 11.00 11.47
C GLY B 259 -6.00 10.27 12.50
N GLU B 260 -4.71 10.25 12.22
CA GLU B 260 -3.72 9.70 13.16
C GLU B 260 -3.50 10.61 14.38
N ARG B 261 -2.78 10.07 15.36
CA ARG B 261 -2.33 10.80 16.54
C ARG B 261 -0.82 10.81 16.37
N VAL B 262 -0.28 11.91 15.86
CA VAL B 262 1.16 12.00 15.64
C VAL B 262 1.84 12.29 16.98
N VAL B 263 2.92 11.55 17.24
CA VAL B 263 3.67 11.70 18.49
C VAL B 263 5.15 11.76 18.12
N PRO B 264 6.00 12.30 19.00
CA PRO B 264 7.45 12.27 18.76
C PRO B 264 7.93 10.81 18.72
N ASP B 265 8.88 10.52 17.86
CA ASP B 265 9.49 9.19 17.86
C ASP B 265 10.36 9.05 19.12
N TYR B 266 10.71 7.80 19.43
CA TYR B 266 11.58 7.49 20.54
C TYR B 266 12.96 8.05 20.24
N LYS B 267 13.54 8.76 21.21
CA LYS B 267 14.85 9.44 21.08
C LYS B 267 15.88 8.76 22.02
N PHE B 268 17.02 8.36 21.44
CA PHE B 268 18.11 7.75 22.17
C PHE B 268 19.17 8.81 22.50
N SER B 269 19.94 8.58 23.55
CA SER B 269 21.28 9.17 23.62
C SER B 269 22.23 8.33 22.76
N THR B 270 23.51 8.73 22.70
CA THR B 270 24.51 8.04 21.89
C THR B 270 25.68 7.62 22.76
N GLY B 271 26.52 6.74 22.23
CA GLY B 271 27.70 6.31 22.95
C GLY B 271 27.67 4.85 23.29
N THR B 272 28.84 4.37 23.71
CA THR B 272 28.98 3.02 24.18
C THR B 272 28.55 2.90 25.63
N ARG B 273 28.29 1.67 26.07
CA ARG B 273 28.04 1.31 27.44
C ARG B 273 29.14 0.34 27.90
N SER B 274 29.54 0.42 29.17
CA SER B 274 30.46 -0.58 29.76
C SER B 274 29.73 -1.62 30.61
N SAM C . -5.92 13.71 -16.26
CA SAM C . -5.65 14.03 -14.82
C SAM C . -4.36 14.85 -14.69
O SAM C . -3.59 14.92 -15.65
OXT SAM C . -4.05 15.45 -13.64
CB SAM C . -5.54 12.74 -14.01
CG SAM C . -6.85 12.00 -13.83
SD SAM C . -7.70 12.72 -12.41
CE SAM C . -6.95 11.72 -11.10
C5' SAM C . -9.32 11.91 -12.46
C4' SAM C . -10.27 12.84 -11.72
O4' SAM C . -11.61 12.61 -12.07
C3' SAM C . -10.20 12.64 -10.21
O3' SAM C . -9.55 13.76 -9.67
C2' SAM C . -11.64 12.59 -9.73
O2' SAM C . -11.83 13.49 -8.66
C1' SAM C . -12.40 13.05 -10.98
N9 SAM C . -13.76 12.50 -11.06
C8 SAM C . -14.14 11.21 -10.77
N7 SAM C . -15.46 11.10 -10.98
C5 SAM C . -15.91 12.33 -11.38
C6 SAM C . -17.17 12.78 -11.72
N6 SAM C . -18.24 12.01 -11.68
N1 SAM C . -17.31 14.10 -12.13
C2 SAM C . -16.22 14.94 -12.18
N3 SAM C . -14.96 14.51 -11.83
C4 SAM C . -14.84 13.20 -11.44
S SO4 D . -13.89 6.94 -10.07
O1 SO4 D . -13.18 5.73 -10.47
O2 SO4 D . -15.05 7.11 -10.95
O3 SO4 D . -14.32 6.81 -8.67
O4 SO4 D . -13.02 8.11 -10.17
N SAM E . 11.85 -5.50 15.27
CA SAM E . 12.27 -4.94 13.95
C SAM E . 12.79 -3.50 14.11
O SAM E . 12.58 -2.88 15.17
OXT SAM E . 13.44 -2.93 13.19
CB SAM E . 11.11 -4.98 12.94
CG SAM E . 10.73 -6.40 12.53
SD SAM E . 11.73 -6.93 11.14
CE SAM E . 10.98 -6.05 9.74
C5' SAM E . 11.22 -8.64 10.84
C4' SAM E . 12.45 -9.24 10.18
O4' SAM E . 12.49 -10.63 10.37
C3' SAM E . 12.50 -8.96 8.66
O3' SAM E . 13.55 -8.04 8.35
C2' SAM E . 12.73 -10.33 8.07
O2' SAM E . 13.72 -10.35 7.04
C1' SAM E . 13.17 -11.16 9.28
N9 SAM E . 12.83 -12.56 9.16
C8 SAM E . 11.68 -13.13 8.68
N7 SAM E . 11.81 -14.47 8.76
C5 SAM E . 13.03 -14.75 9.27
C6 SAM E . 13.71 -15.92 9.56
N6 SAM E . 13.17 -17.12 9.33
N1 SAM E . 14.98 -15.86 10.08
C2 SAM E . 15.59 -14.65 10.33
N3 SAM E . 14.92 -13.49 10.03
C4 SAM E . 13.68 -13.55 9.51
S SO4 F . 11.56 4.85 8.16
O1 SO4 F . 12.93 5.13 8.64
O2 SO4 F . 11.40 5.38 6.79
O3 SO4 F . 11.36 3.39 8.13
O4 SO4 F . 10.55 5.38 9.07
S SO4 G . 7.84 -13.52 7.20
O1 SO4 G . 8.90 -12.64 7.68
O2 SO4 G . 8.20 -13.90 5.83
O3 SO4 G . 7.69 -14.72 8.04
O4 SO4 G . 6.55 -12.85 7.20
#